data_7OR3
#
_entry.id   7OR3
#
_cell.length_a   82.458
_cell.length_b   111.313
_cell.length_c   62.169
_cell.angle_alpha   90.000
_cell.angle_beta   90.000
_cell.angle_gamma   90.000
#
_symmetry.space_group_name_H-M   'C 2 2 21'
#
loop_
_entity.id
_entity.type
_entity.pdbx_description
1 polymer '14-3-3 protein sigma'
2 polymer 'Neurogenic locus notch homolog protein 4'
3 non-polymer 'CHLORIDE ION'
4 non-polymer 'MAGNESIUM ION'
5 non-polymer ~{N}-[(5-carbamimidoyl-3-phenyl-thiophen-2-yl)methyl]-2,3-dihydro-1-benzofuran-5-carboxamide
6 water water
#
loop_
_entity_poly.entity_id
_entity_poly.type
_entity_poly.pdbx_seq_one_letter_code
_entity_poly.pdbx_strand_id
1 'polypeptide(L)'
;GAMGSMERASLIQKAKLAEQAERYEDMAAFMKGAVEKGEELS(CSO)EERNLLSVAYKNVVGGQRAAWRVLSSIEQKSNE
EGSEEKGPEVREYREKVETELQGVCDTVLGLLDSHLIKEAGDAESRVFYLKMKGDYYRYLAEVATGDDKKRIIDSARSAY
QEAMDISKKEMPPTNPIRLGLALNFSVFHYEIANSPEEAISLAKTTFDEAMADLHTLSEDSYKDSTLIMQLLRDNLTLWT
ADNAGEEGGEAPQEPQS
;
A
2 'polypeptide(L)' RGRRF(SEP)AGMRG B
#
# COMPACT_ATOMS: atom_id res chain seq x y z
N GLY A 1 8.65 21.04 9.90
CA GLY A 1 7.44 20.70 9.12
C GLY A 1 6.44 21.84 9.11
N ALA A 2 5.80 22.05 7.96
CA ALA A 2 4.81 23.10 7.85
C ALA A 2 3.61 22.86 8.74
N MET A 3 3.41 21.62 9.19
CA MET A 3 2.30 21.28 10.07
C MET A 3 2.70 21.25 11.55
N GLY A 4 3.97 21.57 11.85
CA GLY A 4 4.47 21.49 13.21
C GLY A 4 3.79 22.43 14.19
N SER A 5 3.16 23.49 13.71
CA SER A 5 2.49 24.42 14.60
C SER A 5 1.03 24.07 14.86
N MET A 6 0.49 23.01 14.25
CA MET A 6 -0.90 22.64 14.44
C MET A 6 -1.00 21.48 15.44
N GLU A 7 -2.04 21.51 16.25
CA GLU A 7 -2.28 20.45 17.20
C GLU A 7 -2.51 19.13 16.49
N ARG A 8 -2.05 18.04 17.12
CA ARG A 8 -2.28 16.71 16.57
C ARG A 8 -3.76 16.49 16.30
N ALA A 9 -4.62 16.82 17.28
CA ALA A 9 -6.03 16.56 17.13
C ALA A 9 -6.60 17.37 15.99
N SER A 10 -6.14 18.61 15.79
CA SER A 10 -6.61 19.42 14.66
C SER A 10 -6.20 18.81 13.31
N LEU A 11 -4.98 18.29 13.23
CA LEU A 11 -4.51 17.63 12.02
C LEU A 11 -5.36 16.42 11.68
N ILE A 12 -5.66 15.57 12.67
CA ILE A 12 -6.52 14.42 12.45
C ILE A 12 -7.90 14.86 11.99
N GLN A 13 -8.46 15.87 12.65
CA GLN A 13 -9.78 16.38 12.25
C GLN A 13 -9.79 16.88 10.81
N LYS A 14 -8.78 17.63 10.43
CA LYS A 14 -8.71 18.18 9.09
C LYS A 14 -8.39 17.12 8.07
N ALA A 15 -7.63 16.08 8.44
CA ALA A 15 -7.44 14.96 7.54
C ALA A 15 -8.77 14.31 7.19
N LYS A 16 -9.68 14.24 8.16
CA LYS A 16 -11.00 13.66 7.92
C LYS A 16 -11.85 14.55 7.01
N LEU A 17 -11.81 15.86 7.24
CA LEU A 17 -12.50 16.79 6.35
C LEU A 17 -11.94 16.72 4.96
N ALA A 18 -10.62 16.69 4.84
CA ALA A 18 -9.99 16.58 3.53
C ALA A 18 -10.46 15.34 2.78
N GLU A 19 -10.63 14.23 3.47
CA GLU A 19 -11.14 13.03 2.84
C GLU A 19 -12.55 13.25 2.33
N GLN A 20 -13.43 13.82 3.17
CA GLN A 20 -14.79 14.10 2.74
C GLN A 20 -14.80 15.04 1.54
N ALA A 21 -13.85 15.95 1.46
CA ALA A 21 -13.73 16.88 0.35
C ALA A 21 -12.96 16.31 -0.84
N GLU A 22 -12.44 15.08 -0.73
CA GLU A 22 -11.62 14.46 -1.76
C GLU A 22 -10.40 15.32 -2.10
N ARG A 23 -9.80 15.90 -1.06
CA ARG A 23 -8.59 16.71 -1.17
C ARG A 23 -7.48 15.84 -0.58
N TYR A 24 -7.04 14.85 -1.37
CA TYR A 24 -6.17 13.82 -0.79
C TYR A 24 -4.74 14.31 -0.57
N GLU A 25 -4.27 15.25 -1.39
CA GLU A 25 -2.96 15.84 -1.12
C GLU A 25 -2.93 16.57 0.21
N ASP A 26 -4.01 17.33 0.50
CA ASP A 26 -4.15 17.94 1.81
C ASP A 26 -4.22 16.86 2.88
N MET A 27 -4.99 15.80 2.64
CA MET A 27 -5.14 14.73 3.59
C MET A 27 -3.78 14.16 3.97
N ALA A 28 -2.96 13.84 2.96
CA ALA A 28 -1.64 13.28 3.23
C ALA A 28 -0.76 14.26 4.00
N ALA A 29 -0.80 15.54 3.62
CA ALA A 29 0.01 16.53 4.33
C ALA A 29 -0.39 16.60 5.79
N PHE A 30 -1.70 16.57 6.07
CA PHE A 30 -2.17 16.58 7.45
C PHE A 30 -1.74 15.32 8.20
N MET A 31 -1.84 14.16 7.57
CA MET A 31 -1.46 12.92 8.24
C MET A 31 0.04 12.83 8.39
N LYS A 32 0.82 13.36 7.43
CA LYS A 32 2.27 13.42 7.61
C LYS A 32 2.58 14.21 8.89
N GLY A 33 1.92 15.38 9.07
CA GLY A 33 2.14 16.16 10.28
C GLY A 33 1.73 15.40 11.53
N ALA A 34 0.60 14.69 11.44
CA ALA A 34 0.15 13.90 12.58
C ALA A 34 1.22 12.88 12.98
N VAL A 35 1.77 12.18 11.99
CA VAL A 35 2.79 11.18 12.29
C VAL A 35 3.98 11.82 12.96
N GLU A 36 4.43 12.96 12.45
CA GLU A 36 5.64 13.59 12.96
C GLU A 36 5.46 14.17 14.34
N LYS A 37 4.26 14.13 14.92
CA LYS A 37 4.12 14.48 16.34
C LYS A 37 4.79 13.47 17.25
N GLY A 38 5.07 12.27 16.76
CA GLY A 38 5.79 11.25 17.50
C GLY A 38 4.96 10.30 18.31
N GLU A 39 3.64 10.37 18.23
CA GLU A 39 2.74 9.48 18.96
C GLU A 39 2.14 8.44 18.02
N GLU A 40 1.75 7.30 18.57
CA GLU A 40 1.29 6.23 17.70
C GLU A 40 -0.03 6.62 17.04
N LEU A 41 -0.29 5.97 15.91
CA LEU A 41 -1.52 6.18 15.19
C LEU A 41 -2.46 5.05 15.57
N SER A 42 -3.70 5.41 15.91
CA SER A 42 -4.77 4.45 16.15
C SER A 42 -5.05 3.66 14.86
N GLU A 44 -7.91 3.66 13.19
CA GLU A 44 -8.60 4.59 12.30
C GLU A 44 -7.56 5.54 11.68
N GLU A 45 -6.63 6.03 12.50
CA GLU A 45 -5.62 6.96 12.00
C GLU A 45 -4.62 6.29 11.06
N ARG A 46 -4.34 5.00 11.27
CA ARG A 46 -3.54 4.28 10.30
C ARG A 46 -4.25 4.21 8.95
N ASN A 47 -5.56 3.92 8.98
CA ASN A 47 -6.32 3.92 7.73
C ASN A 47 -6.34 5.29 7.07
N LEU A 48 -6.40 6.38 7.86
CA LEU A 48 -6.40 7.71 7.26
C LEU A 48 -5.07 7.95 6.54
N LEU A 49 -3.95 7.60 7.18
CA LEU A 49 -2.64 7.75 6.53
C LEU A 49 -2.59 6.97 5.24
N SER A 50 -3.04 5.72 5.29
CA SER A 50 -2.94 4.83 4.13
C SER A 50 -3.84 5.31 2.98
N VAL A 51 -5.07 5.68 3.28
CA VAL A 51 -5.96 6.13 2.23
C VAL A 51 -5.44 7.40 1.60
N ALA A 52 -4.88 8.30 2.42
CA ALA A 52 -4.39 9.57 1.89
C ALA A 52 -3.28 9.34 0.87
N TYR A 53 -2.26 8.57 1.22
CA TYR A 53 -1.17 8.38 0.30
C TYR A 53 -1.52 7.44 -0.84
N LYS A 54 -2.46 6.50 -0.63
CA LYS A 54 -2.94 5.65 -1.70
C LYS A 54 -3.49 6.48 -2.84
N ASN A 55 -4.25 7.52 -2.51
CA ASN A 55 -4.90 8.34 -3.53
C ASN A 55 -3.91 9.27 -4.20
N VAL A 56 -2.95 9.80 -3.45
CA VAL A 56 -1.95 10.70 -4.04
C VAL A 56 -1.03 9.93 -5.00
N VAL A 57 -0.46 8.82 -4.54
CA VAL A 57 0.42 8.06 -5.40
C VAL A 57 -0.38 7.37 -6.49
N GLY A 58 -1.64 7.05 -6.21
CA GLY A 58 -2.48 6.44 -7.24
C GLY A 58 -2.61 7.31 -8.46
N GLY A 59 -2.89 8.59 -8.27
CA GLY A 59 -2.95 9.49 -9.42
C GLY A 59 -1.63 9.63 -10.13
N GLN A 60 -0.53 9.66 -9.39
CA GLN A 60 0.78 9.68 -10.01
C GLN A 60 1.05 8.42 -10.81
N ARG A 61 0.72 7.25 -10.25
CA ARG A 61 0.95 6.00 -10.94
C ARG A 61 0.15 5.93 -12.25
N ALA A 62 -1.15 6.24 -12.19
CA ALA A 62 -1.97 6.24 -13.39
C ALA A 62 -1.43 7.22 -14.42
N ALA A 63 -0.99 8.40 -13.98
CA ALA A 63 -0.42 9.35 -14.92
C ALA A 63 0.87 8.84 -15.52
N TRP A 64 1.74 8.25 -14.69
CA TRP A 64 2.98 7.67 -15.18
C TRP A 64 2.73 6.62 -16.26
N ARG A 65 1.76 5.72 -16.02
CA ARG A 65 1.50 4.65 -16.97
C ARG A 65 0.98 5.21 -18.28
N VAL A 66 0.16 6.25 -18.24
CA VAL A 66 -0.26 6.91 -19.47
C VAL A 66 0.95 7.44 -20.24
N LEU A 67 1.80 8.19 -19.53
CA LEU A 67 2.96 8.80 -20.18
C LEU A 67 3.94 7.76 -20.69
N SER A 68 4.17 6.70 -19.90
CA SER A 68 5.11 5.67 -20.30
C SER A 68 4.65 4.94 -21.55
N SER A 69 3.35 4.72 -21.69
CA SER A 69 2.86 4.09 -22.92
C SER A 69 3.03 5.00 -24.13
N ILE A 70 2.68 6.27 -23.99
CA ILE A 70 2.90 7.21 -25.08
C ILE A 70 4.37 7.26 -25.44
N GLU A 71 5.24 7.34 -24.43
CA GLU A 71 6.67 7.36 -24.67
C GLU A 71 7.11 6.14 -25.47
N GLN A 72 6.63 4.95 -25.07
CA GLN A 72 7.04 3.73 -25.78
C GLN A 72 6.55 3.75 -27.23
N LYS A 73 5.32 4.21 -27.46
CA LYS A 73 4.80 4.30 -28.82
C LYS A 73 5.70 5.15 -29.70
N SER A 74 6.16 6.29 -29.19
CA SER A 74 7.04 7.18 -29.95
C SER A 74 8.44 6.61 -30.13
N ASN A 75 8.69 5.37 -29.68
CA ASN A 75 9.98 4.71 -29.89
C ASN A 75 9.83 3.42 -30.69
N GLU A 76 8.68 3.22 -31.35
CA GLU A 76 8.43 2.01 -32.11
C GLU A 76 8.88 2.18 -33.55
N GLY A 83 10.89 14.70 -30.34
CA GLY A 83 11.49 15.59 -29.37
C GLY A 83 11.51 15.01 -27.97
N PRO A 84 12.15 15.71 -27.03
CA PRO A 84 12.34 15.16 -25.68
C PRO A 84 11.17 15.36 -24.74
N GLU A 85 10.06 15.98 -25.18
CA GLU A 85 9.04 16.44 -24.26
C GLU A 85 8.33 15.28 -23.56
N VAL A 86 8.07 14.19 -24.27
CA VAL A 86 7.38 13.07 -23.64
C VAL A 86 8.24 12.46 -22.55
N ARG A 87 9.53 12.21 -22.85
CA ARG A 87 10.44 11.69 -21.84
C ARG A 87 10.58 12.66 -20.68
N GLU A 88 10.72 13.96 -21.00
CA GLU A 88 10.94 14.96 -19.96
C GLU A 88 9.79 14.97 -18.97
N TYR A 89 8.55 14.92 -19.49
CA TYR A 89 7.38 15.01 -18.61
C TYR A 89 7.16 13.72 -17.85
N ARG A 90 7.43 12.58 -18.47
CA ARG A 90 7.36 11.32 -17.74
C ARG A 90 8.33 11.32 -16.56
N GLU A 91 9.54 11.86 -16.78
CA GLU A 91 10.50 11.97 -15.70
C GLU A 91 10.00 12.92 -14.61
N LYS A 92 9.32 14.00 -14.99
CA LYS A 92 8.79 14.94 -14.01
C LYS A 92 7.79 14.24 -13.09
N VAL A 93 6.83 13.52 -13.70
CA VAL A 93 5.87 12.77 -12.90
C VAL A 93 6.59 11.68 -12.12
N GLU A 94 7.51 10.97 -12.76
CA GLU A 94 8.23 9.88 -12.09
C GLU A 94 8.97 10.39 -10.88
N THR A 95 9.66 11.52 -11.02
CA THR A 95 10.42 12.07 -9.90
C THR A 95 9.49 12.49 -8.78
N GLU A 96 8.34 13.06 -9.11
CA GLU A 96 7.39 13.45 -8.09
C GLU A 96 6.77 12.24 -7.40
N LEU A 97 6.58 11.15 -8.15
CA LEU A 97 6.11 9.91 -7.56
C LEU A 97 7.15 9.32 -6.62
N GLN A 98 8.42 9.27 -7.06
CA GLN A 98 9.45 8.74 -6.17
C GLN A 98 9.58 9.57 -4.90
N GLY A 99 9.41 10.88 -5.01
CA GLY A 99 9.45 11.71 -3.82
C GLY A 99 8.39 11.34 -2.81
N VAL A 100 7.18 11.09 -3.28
CA VAL A 100 6.09 10.69 -2.38
C VAL A 100 6.42 9.35 -1.72
N CYS A 101 6.84 8.38 -2.53
CA CYS A 101 7.26 7.09 -1.97
C CYS A 101 8.36 7.26 -0.95
N ASP A 102 9.36 8.10 -1.25
CA ASP A 102 10.45 8.31 -0.28
C ASP A 102 9.91 8.94 1.00
N THR A 103 8.92 9.82 0.88
CA THR A 103 8.34 10.46 2.06
C THR A 103 7.60 9.46 2.93
N VAL A 104 6.79 8.59 2.34
CA VAL A 104 6.08 7.58 3.12
C VAL A 104 7.06 6.63 3.77
N LEU A 105 8.09 6.21 3.02
CA LEU A 105 9.07 5.30 3.58
C LEU A 105 9.88 5.93 4.70
N GLY A 106 10.04 7.27 4.68
CA GLY A 106 10.73 7.94 5.76
C GLY A 106 9.93 8.00 7.05
N LEU A 107 8.62 8.22 6.91
CA LEU A 107 7.72 8.15 8.06
C LEU A 107 7.73 6.76 8.69
N LEU A 108 7.76 5.71 7.87
CA LEU A 108 7.77 4.34 8.39
C LEU A 108 9.08 4.04 9.11
N ASP A 109 10.21 4.43 8.50
N ASP A 109 10.21 4.43 8.52
CA ASP A 109 11.50 4.14 9.12
CA ASP A 109 11.51 4.14 9.12
C ASP A 109 11.84 5.09 10.26
C ASP A 109 11.95 5.17 10.15
N SER A 110 11.21 6.26 10.31
CA SER A 110 11.47 7.26 11.34
C SER A 110 10.13 7.85 11.81
N HIS A 111 9.44 7.16 12.71
CA HIS A 111 9.85 5.94 13.38
C HIS A 111 8.64 5.05 13.62
N LEU A 112 7.70 5.06 12.68
CA LEU A 112 6.44 4.36 12.89
C LEU A 112 6.66 2.87 13.16
N ILE A 113 7.58 2.25 12.44
CA ILE A 113 7.70 0.81 12.53
C ILE A 113 8.33 0.39 13.86
N LYS A 114 9.40 1.10 14.26
CA LYS A 114 10.08 0.69 15.48
C LYS A 114 9.24 0.98 16.72
N GLU A 115 8.34 1.97 16.65
CA GLU A 115 7.48 2.31 17.78
C GLU A 115 6.16 1.56 17.76
N ALA A 116 5.97 0.64 16.83
CA ALA A 116 4.74 -0.13 16.71
C ALA A 116 4.85 -1.32 17.64
N GLY A 117 4.32 -1.18 18.86
CA GLY A 117 4.44 -2.22 19.85
C GLY A 117 3.34 -3.25 19.78
N ASP A 118 2.69 -3.38 18.62
CA ASP A 118 1.65 -4.36 18.38
C ASP A 118 1.95 -5.11 17.11
N ALA A 119 1.45 -6.35 17.03
CA ALA A 119 1.43 -7.05 15.75
C ALA A 119 0.50 -6.36 14.78
N GLU A 120 -0.70 -5.98 15.23
CA GLU A 120 -1.64 -5.28 14.36
C GLU A 120 -1.01 -4.02 13.76
N SER A 121 -0.42 -3.17 14.60
CA SER A 121 0.19 -1.95 14.10
C SER A 121 1.43 -2.23 13.27
N ARG A 122 2.28 -3.14 13.73
CA ARG A 122 3.53 -3.42 13.02
C ARG A 122 3.27 -4.04 11.65
N VAL A 123 2.33 -4.99 11.58
CA VAL A 123 1.99 -5.59 10.29
C VAL A 123 1.49 -4.55 9.32
N PHE A 124 0.64 -3.64 9.79
CA PHE A 124 0.09 -2.58 8.94
C PHE A 124 1.22 -1.78 8.29
N TYR A 125 2.20 -1.37 9.09
CA TYR A 125 3.26 -0.51 8.59
C TYR A 125 4.21 -1.29 7.68
N LEU A 126 4.50 -2.55 8.01
CA LEU A 126 5.37 -3.35 7.16
C LEU A 126 4.72 -3.57 5.81
N LYS A 127 3.41 -3.84 5.79
CA LYS A 127 2.68 -3.91 4.53
C LYS A 127 2.85 -2.64 3.72
N MET A 128 2.70 -1.47 4.39
CA MET A 128 2.89 -0.19 3.71
C MET A 128 4.30 -0.07 3.13
N LYS A 129 5.32 -0.55 3.88
CA LYS A 129 6.69 -0.50 3.40
C LYS A 129 6.82 -1.30 2.11
N GLY A 130 6.27 -2.52 2.09
CA GLY A 130 6.28 -3.30 0.86
C GLY A 130 5.58 -2.61 -0.29
N ASP A 131 4.43 -2.00 -0.01
CA ASP A 131 3.65 -1.34 -1.03
C ASP A 131 4.43 -0.21 -1.68
N TYR A 132 5.10 0.64 -0.89
CA TYR A 132 5.72 1.82 -1.49
C TYR A 132 7.09 1.50 -2.05
N TYR A 133 7.77 0.44 -1.61
CA TYR A 133 8.90 -0.05 -2.38
C TYR A 133 8.40 -0.71 -3.65
N ARG A 134 7.24 -1.37 -3.61
CA ARG A 134 6.66 -1.88 -4.85
C ARG A 134 6.39 -0.76 -5.85
N TYR A 135 5.92 0.39 -5.38
CA TYR A 135 5.63 1.50 -6.28
C TYR A 135 6.94 2.04 -6.84
N LEU A 136 8.01 2.06 -6.03
CA LEU A 136 9.30 2.48 -6.59
C LEU A 136 9.79 1.50 -7.65
N ALA A 137 9.54 0.20 -7.43
CA ALA A 137 9.97 -0.81 -8.40
C ALA A 137 9.24 -0.67 -9.72
N GLU A 138 7.98 -0.25 -9.69
CA GLU A 138 7.20 -0.15 -10.92
C GLU A 138 7.87 0.75 -11.94
N VAL A 139 8.59 1.77 -11.48
CA VAL A 139 9.23 2.77 -12.34
C VAL A 139 10.74 2.65 -12.34
N ALA A 140 11.29 1.66 -11.65
CA ALA A 140 12.73 1.55 -11.54
C ALA A 140 13.31 0.82 -12.74
N THR A 141 14.52 1.23 -13.12
CA THR A 141 15.17 0.69 -14.31
C THR A 141 16.70 0.66 -14.13
N ASP A 144 19.37 -0.41 -9.69
CA ASP A 144 18.84 -0.34 -8.33
C ASP A 144 17.49 -1.06 -8.25
N LYS A 145 16.94 -1.42 -9.41
CA LYS A 145 15.65 -2.09 -9.43
C LYS A 145 15.68 -3.37 -8.62
N LYS A 146 16.70 -4.21 -8.85
CA LYS A 146 16.82 -5.46 -8.11
C LYS A 146 16.82 -5.20 -6.60
N ARG A 147 17.54 -4.15 -6.17
CA ARG A 147 17.64 -3.85 -4.76
C ARG A 147 16.30 -3.38 -4.21
N ILE A 148 15.54 -2.61 -4.99
CA ILE A 148 14.22 -2.18 -4.53
C ILE A 148 13.28 -3.38 -4.38
N ILE A 149 13.33 -4.31 -5.32
CA ILE A 149 12.47 -5.48 -5.27
C ILE A 149 12.75 -6.29 -4.00
N ASP A 150 14.02 -6.43 -3.64
CA ASP A 150 14.36 -7.19 -2.43
C ASP A 150 13.87 -6.46 -1.17
N SER A 151 13.89 -5.12 -1.18
CA SER A 151 13.38 -4.37 -0.04
C SER A 151 11.89 -4.59 0.12
N ALA A 152 11.14 -4.56 -0.98
CA ALA A 152 9.72 -4.85 -0.89
C ALA A 152 9.48 -6.29 -0.46
N ARG A 153 10.12 -7.24 -1.13
CA ARG A 153 9.95 -8.64 -0.77
C ARG A 153 10.19 -8.85 0.71
N SER A 154 11.26 -8.27 1.24
CA SER A 154 11.62 -8.46 2.64
C SER A 154 10.60 -7.85 3.58
N ALA A 155 10.15 -6.63 3.29
CA ALA A 155 9.11 -6.00 4.12
C ALA A 155 7.83 -6.82 4.12
N TYR A 156 7.43 -7.26 2.92
CA TYR A 156 6.22 -8.08 2.81
C TYR A 156 6.36 -9.39 3.58
N GLN A 157 7.52 -10.05 3.46
CA GLN A 157 7.72 -11.34 4.10
C GLN A 157 7.63 -11.24 5.61
N GLU A 158 8.28 -10.24 6.21
CA GLU A 158 8.23 -10.09 7.67
C GLU A 158 6.81 -9.83 8.13
N ALA A 159 6.08 -9.00 7.38
CA ALA A 159 4.66 -8.77 7.71
C ALA A 159 3.88 -10.07 7.67
N MET A 160 4.18 -10.92 6.68
CA MET A 160 3.51 -12.21 6.56
C MET A 160 3.84 -13.11 7.76
N ASP A 161 5.12 -13.18 8.12
CA ASP A 161 5.54 -13.99 9.26
C ASP A 161 4.77 -13.60 10.51
N ILE A 162 4.72 -12.28 10.82
CA ILE A 162 4.00 -11.80 11.99
C ILE A 162 2.51 -12.13 11.85
N SER A 163 1.92 -11.78 10.69
CA SER A 163 0.48 -11.95 10.52
C SER A 163 0.06 -13.40 10.73
N LYS A 164 0.82 -14.35 10.21
CA LYS A 164 0.47 -15.76 10.39
C LYS A 164 0.52 -16.17 11.84
N LYS A 165 1.51 -15.66 12.60
CA LYS A 165 1.63 -15.97 14.01
C LYS A 165 0.53 -15.34 14.85
N GLU A 166 0.17 -14.10 14.56
CA GLU A 166 -0.56 -13.27 15.51
C GLU A 166 -1.99 -12.91 15.11
N MET A 167 -2.40 -13.19 13.88
CA MET A 167 -3.71 -12.75 13.42
C MET A 167 -4.43 -13.89 12.71
N PRO A 168 -5.76 -13.93 12.82
CA PRO A 168 -6.51 -15.00 12.16
C PRO A 168 -6.52 -14.81 10.66
N PRO A 169 -6.70 -15.89 9.88
CA PRO A 169 -6.60 -15.78 8.42
C PRO A 169 -7.65 -14.89 7.78
N THR A 170 -8.67 -14.46 8.53
CA THR A 170 -9.70 -13.56 8.00
C THR A 170 -9.47 -12.10 8.33
N ASN A 171 -8.42 -11.78 9.08
CA ASN A 171 -8.15 -10.40 9.45
CA ASN A 171 -8.15 -10.40 9.45
C ASN A 171 -7.97 -9.56 8.19
N PRO A 172 -8.67 -8.44 8.06
CA PRO A 172 -8.61 -7.69 6.79
C PRO A 172 -7.22 -7.17 6.45
N ILE A 173 -6.42 -6.75 7.43
CA ILE A 173 -5.07 -6.31 7.12
C ILE A 173 -4.24 -7.47 6.62
N ARG A 174 -4.37 -8.65 7.24
CA ARG A 174 -3.64 -9.82 6.75
C ARG A 174 -4.07 -10.19 5.34
N LEU A 175 -5.38 -10.17 5.07
CA LEU A 175 -5.86 -10.45 3.71
C LEU A 175 -5.37 -9.39 2.72
N GLY A 176 -5.42 -8.11 3.08
CA GLY A 176 -4.90 -7.08 2.21
C GLY A 176 -3.39 -7.22 1.99
N LEU A 177 -2.67 -7.63 3.03
CA LEU A 177 -1.24 -7.90 2.90
C LEU A 177 -0.99 -8.99 1.90
N ALA A 178 -1.67 -10.15 2.03
CA ALA A 178 -1.42 -11.24 1.09
C ALA A 178 -1.83 -10.88 -0.33
N LEU A 179 -2.95 -10.18 -0.47
CA LEU A 179 -3.36 -9.67 -1.78
C LEU A 179 -2.23 -8.90 -2.46
N ASN A 180 -1.67 -7.91 -1.79
CA ASN A 180 -0.66 -7.06 -2.42
C ASN A 180 0.66 -7.80 -2.58
N PHE A 181 1.01 -8.70 -1.66
CA PHE A 181 2.21 -9.52 -1.87
C PHE A 181 2.05 -10.41 -3.10
N SER A 182 0.84 -10.91 -3.33
CA SER A 182 0.61 -11.73 -4.51
C SER A 182 0.79 -10.91 -5.77
N VAL A 183 0.30 -9.68 -5.76
CA VAL A 183 0.47 -8.78 -6.91
C VAL A 183 1.94 -8.47 -7.14
N PHE A 184 2.69 -8.21 -6.04
CA PHE A 184 4.13 -8.04 -6.12
C PHE A 184 4.77 -9.23 -6.84
N HIS A 185 4.43 -10.44 -6.39
CA HIS A 185 4.99 -11.63 -7.00
C HIS A 185 4.66 -11.70 -8.48
N TYR A 186 3.43 -11.34 -8.86
CA TYR A 186 2.98 -11.56 -10.23
C TYR A 186 3.62 -10.59 -11.20
N GLU A 187 3.59 -9.30 -10.88
CA GLU A 187 3.95 -8.29 -11.88
C GLU A 187 5.26 -7.58 -11.60
N ILE A 188 5.86 -7.77 -10.43
CA ILE A 188 7.12 -7.13 -10.11
C ILE A 188 8.26 -8.14 -10.06
N ALA A 189 8.01 -9.30 -9.44
CA ALA A 189 9.06 -10.31 -9.21
C ALA A 189 9.09 -11.40 -10.28
N ASN A 190 8.22 -11.33 -11.27
CA ASN A 190 8.20 -12.32 -12.33
C ASN A 190 7.99 -13.72 -11.76
N SER A 191 7.10 -13.83 -10.78
CA SER A 191 6.83 -15.08 -10.09
C SER A 191 5.33 -15.32 -10.11
N PRO A 192 4.74 -15.57 -11.29
CA PRO A 192 3.29 -15.74 -11.35
C PRO A 192 2.82 -16.97 -10.60
N GLU A 193 3.65 -18.02 -10.48
CA GLU A 193 3.25 -19.19 -9.70
C GLU A 193 3.20 -18.87 -8.21
N GLU A 194 4.20 -18.15 -7.69
CA GLU A 194 4.13 -17.71 -6.32
C GLU A 194 2.88 -16.89 -6.11
N ALA A 195 2.54 -16.03 -7.07
CA ALA A 195 1.38 -15.15 -6.90
C ALA A 195 0.11 -15.96 -6.80
N ILE A 196 -0.03 -16.96 -7.66
CA ILE A 196 -1.19 -17.84 -7.66
C ILE A 196 -1.24 -18.64 -6.37
N SER A 197 -0.15 -19.28 -6.00
CA SER A 197 -0.07 -20.04 -4.76
C SER A 197 -0.54 -19.21 -3.58
N LEU A 198 -0.03 -17.98 -3.48
CA LEU A 198 -0.35 -17.13 -2.34
C LEU A 198 -1.79 -16.69 -2.33
N ALA A 199 -2.34 -16.33 -3.49
CA ALA A 199 -3.71 -15.86 -3.53
C ALA A 199 -4.71 -16.96 -3.18
N LYS A 200 -4.46 -18.18 -3.65
CA LYS A 200 -5.42 -19.24 -3.42
C LYS A 200 -5.37 -19.78 -1.99
N THR A 201 -4.16 -19.99 -1.46
CA THR A 201 -4.04 -20.41 -0.06
C THR A 201 -4.61 -19.37 0.89
N THR A 202 -4.40 -18.08 0.59
CA THR A 202 -5.02 -17.06 1.42
C THR A 202 -6.55 -17.11 1.30
N PHE A 203 -7.04 -17.17 0.08
CA PHE A 203 -8.48 -17.29 -0.12
C PHE A 203 -9.05 -18.50 0.61
N ASP A 204 -8.45 -19.67 0.37
CA ASP A 204 -9.00 -20.91 0.92
C ASP A 204 -8.98 -20.91 2.45
N GLU A 205 -7.91 -20.46 3.07
CA GLU A 205 -7.82 -20.44 4.52
C GLU A 205 -8.74 -19.38 5.12
N ALA A 206 -9.00 -18.27 4.41
CA ALA A 206 -9.99 -17.33 4.90
C ALA A 206 -11.40 -17.92 4.86
N MET A 207 -11.77 -18.54 3.74
CA MET A 207 -13.10 -19.12 3.63
C MET A 207 -13.36 -20.14 4.74
N ALA A 208 -12.37 -20.97 5.07
CA ALA A 208 -12.54 -21.95 6.14
C ALA A 208 -12.65 -21.33 7.52
N ASP A 209 -12.38 -20.04 7.66
CA ASP A 209 -12.47 -19.36 8.95
C ASP A 209 -13.70 -18.47 9.05
N LEU A 210 -14.48 -18.32 7.98
CA LEU A 210 -15.59 -17.36 7.99
C LEU A 210 -16.63 -17.74 9.01
N HIS A 211 -16.79 -19.04 9.29
CA HIS A 211 -17.79 -19.48 10.26
C HIS A 211 -17.59 -18.92 11.67
N THR A 212 -16.39 -18.42 11.98
CA THR A 212 -16.13 -17.87 13.30
C THR A 212 -16.51 -16.40 13.42
N LEU A 213 -16.98 -15.76 12.36
CA LEU A 213 -17.06 -14.30 12.31
C LEU A 213 -18.49 -13.79 12.49
N SER A 214 -18.58 -12.56 12.99
CA SER A 214 -19.84 -11.84 13.02
C SER A 214 -20.25 -11.45 11.60
N GLU A 215 -21.51 -11.06 11.45
CA GLU A 215 -22.00 -10.56 10.17
C GLU A 215 -21.15 -9.40 9.68
N ASP A 216 -20.64 -8.57 10.59
CA ASP A 216 -19.86 -7.40 10.18
C ASP A 216 -18.46 -7.81 9.74
N SER A 217 -17.76 -8.61 10.56
CA SER A 217 -16.44 -9.09 10.16
C SER A 217 -16.52 -9.91 8.87
N TYR A 218 -17.55 -10.74 8.76
CA TYR A 218 -17.80 -11.46 7.52
C TYR A 218 -17.74 -10.54 6.32
N LYS A 219 -18.47 -9.43 6.39
CA LYS A 219 -18.46 -8.48 5.28
C LYS A 219 -17.05 -7.96 5.02
N ASP A 220 -16.33 -7.58 6.06
CA ASP A 220 -14.97 -7.09 5.90
C ASP A 220 -14.11 -8.11 5.17
N SER A 221 -14.10 -9.36 5.63
CA SER A 221 -13.23 -10.36 5.02
C SER A 221 -13.66 -10.68 3.59
N THR A 222 -14.96 -10.87 3.36
CA THR A 222 -15.39 -11.30 2.04
C THR A 222 -15.12 -10.22 1.02
N LEU A 223 -15.07 -8.95 1.44
CA LEU A 223 -14.78 -7.88 0.50
C LEU A 223 -13.36 -7.98 -0.07
N ILE A 224 -12.40 -8.40 0.76
CA ILE A 224 -11.04 -8.59 0.24
C ILE A 224 -10.91 -9.94 -0.46
N MET A 225 -11.66 -10.94 -0.02
CA MET A 225 -11.65 -12.23 -0.70
C MET A 225 -12.10 -12.09 -2.14
N GLN A 226 -13.05 -11.19 -2.39
CA GLN A 226 -13.47 -10.93 -3.77
C GLN A 226 -12.31 -10.45 -4.64
N LEU A 227 -11.38 -9.69 -4.06
CA LEU A 227 -10.25 -9.20 -4.84
C LEU A 227 -9.27 -10.31 -5.14
N LEU A 228 -8.99 -11.16 -4.15
CA LEU A 228 -8.22 -12.36 -4.42
C LEU A 228 -8.88 -13.21 -5.50
N ARG A 229 -10.20 -13.29 -5.46
CA ARG A 229 -10.94 -14.04 -6.46
C ARG A 229 -10.73 -13.46 -7.85
N ASP A 230 -10.92 -12.15 -7.99
CA ASP A 230 -10.79 -11.56 -9.32
C ASP A 230 -9.39 -11.75 -9.88
N ASN A 231 -8.35 -11.65 -9.03
CA ASN A 231 -6.99 -11.85 -9.54
C ASN A 231 -6.76 -13.29 -10.00
N LEU A 232 -7.17 -14.27 -9.21
CA LEU A 232 -7.01 -15.66 -9.60
C LEU A 232 -7.74 -15.95 -10.91
N THR A 233 -8.90 -15.33 -11.10
CA THR A 233 -9.67 -15.50 -12.33
C THR A 233 -8.91 -14.92 -13.53
N LEU A 234 -8.12 -13.88 -13.30
CA LEU A 234 -7.30 -13.27 -14.33
C LEU A 234 -6.04 -14.11 -14.62
N TRP A 235 -5.47 -14.77 -13.62
CA TRP A 235 -4.17 -15.39 -13.75
C TRP A 235 -4.24 -16.85 -14.11
N THR A 236 -5.39 -17.49 -13.92
CA THR A 236 -5.52 -18.92 -14.19
C THR A 236 -6.56 -19.19 -15.29
N ARG B 3 -7.31 -5.06 -15.35
CA ARG B 3 -6.19 -4.76 -14.45
C ARG B 3 -6.41 -5.39 -13.08
N ARG B 4 -5.43 -6.15 -12.61
CA ARG B 4 -5.52 -6.84 -11.32
C ARG B 4 -5.87 -5.85 -10.22
N PHE B 5 -6.35 -6.37 -9.09
CA PHE B 5 -6.66 -5.55 -7.94
C PHE B 5 -5.59 -5.61 -6.88
N ALA B 7 -4.95 -4.03 -2.72
CA ALA B 7 -5.83 -3.72 -1.59
C ALA B 7 -6.33 -2.28 -1.67
N GLY B 8 -5.61 -1.45 -2.42
CA GLY B 8 -5.94 -0.04 -2.54
C GLY B 8 -6.82 0.26 -3.74
N MET B 9 -7.59 -0.73 -4.20
CA MET B 9 -8.45 -0.58 -5.36
C MET B 9 -9.88 -1.09 -5.13
N ARG B 10 -10.16 -1.72 -4.00
CA ARG B 10 -11.43 -2.38 -3.76
C ARG B 10 -12.61 -1.60 -4.29
#